data_5COL
#
_entry.id   5COL
#
_cell.length_a   69.150
_cell.length_b   88.050
_cell.length_c   142.920
_cell.angle_alpha   90.00
_cell.angle_beta   90.00
_cell.angle_gamma   90.00
#
_symmetry.space_group_name_H-M   'I 2 2 2'
#
loop_
_entity.id
_entity.type
_entity.pdbx_description
1 polymer '50S ribosomal protein L11'
2 non-polymer 'CHLORIDE ION'
3 non-polymer 'TRIETHYLENE GLYCOL'
4 non-polymer DI(HYDROXYETHYL)ETHER
5 non-polymer 'CITRIC ACID'
6 water water
#
_entity_poly.entity_id   1
_entity_poly.type   'polypeptide(L)'
_entity_poly.pdbx_seq_one_letter_code
;MAKEVVEVLVTGGRATAGPPLGPAIGPLGVNVMQVVKEINEKTKDYEGMQVPVKVIVDTETRKFEIEVGIPPTTALIKKE
LGIETAAHEPRHEVVGNLTLEQVIKIAKMKKDAMLSYTLKNAVKEVLGTCGSMGVTVEGKDPKEVQKEIDAGVYDEYFKE
E
;
_entity_poly.pdbx_strand_id   A,B
#
loop_
_chem_comp.id
_chem_comp.type
_chem_comp.name
_chem_comp.formula
CIT non-polymer 'CITRIC ACID' 'C6 H8 O7'
CL non-polymer 'CHLORIDE ION' 'Cl -1'
PEG non-polymer DI(HYDROXYETHYL)ETHER 'C4 H10 O3'
PGE non-polymer 'TRIETHYLENE GLYCOL' 'C6 H14 O4'
#
# COMPACT_ATOMS: atom_id res chain seq x y z
N ALA A 2 -2.67 32.04 -1.84
CA ALA A 2 -3.32 30.70 -1.86
C ALA A 2 -2.32 29.59 -1.49
N LYS A 3 -2.86 28.43 -1.14
CA LYS A 3 -2.00 27.29 -1.01
C LYS A 3 -2.57 26.19 -1.85
N GLU A 4 -1.65 25.41 -2.40
CA GLU A 4 -1.97 24.32 -3.28
C GLU A 4 -1.16 23.14 -2.83
N VAL A 5 -1.82 22.00 -2.79
CA VAL A 5 -1.18 20.79 -2.45
C VAL A 5 -1.31 19.96 -3.68
N VAL A 6 -0.19 19.44 -4.13
CA VAL A 6 -0.17 18.56 -5.27
C VAL A 6 0.28 17.18 -4.83
N GLU A 7 -0.42 16.16 -5.28
CA GLU A 7 -0.12 14.79 -4.96
C GLU A 7 0.03 14.00 -6.24
N VAL A 8 1.23 13.52 -6.46
CA VAL A 8 1.58 12.87 -7.68
C VAL A 8 2.43 11.65 -7.36
N LEU A 9 2.62 10.85 -8.38
CA LEU A 9 3.36 9.62 -8.34
C LEU A 9 4.47 9.77 -9.31
N VAL A 10 5.69 9.67 -8.78
CA VAL A 10 6.89 9.82 -9.58
C VAL A 10 7.69 8.56 -9.49
N THR A 11 8.71 8.48 -10.33
CA THR A 11 9.66 7.39 -10.34
C THR A 11 10.78 7.75 -9.38
N GLY A 12 10.97 6.94 -8.32
CA GLY A 12 11.94 7.26 -7.30
C GLY A 12 13.29 7.57 -7.89
N GLY A 13 13.88 8.67 -7.44
CA GLY A 13 15.19 9.11 -7.92
C GLY A 13 15.32 9.48 -9.40
N ARG A 14 14.25 9.41 -10.21
CA ARG A 14 14.31 9.82 -11.62
C ARG A 14 13.17 10.76 -11.99
N ALA A 15 12.76 11.60 -11.05
CA ALA A 15 11.77 12.61 -11.33
C ALA A 15 12.35 13.58 -12.36
N THR A 16 11.53 13.97 -13.33
CA THR A 16 11.89 15.01 -14.30
C THR A 16 10.93 16.18 -14.20
N ALA A 17 11.24 17.25 -14.94
CA ALA A 17 10.43 18.47 -14.92
C ALA A 17 9.42 18.45 -16.05
N GLY A 18 9.35 17.34 -16.76
CA GLY A 18 8.27 17.11 -17.64
C GLY A 18 7.04 16.82 -16.81
N PRO A 19 6.13 16.03 -17.37
CA PRO A 19 4.95 15.75 -16.59
C PRO A 19 5.22 14.54 -15.68
N PRO A 20 4.66 14.55 -14.50
CA PRO A 20 3.60 15.48 -14.13
C PRO A 20 4.01 16.66 -13.28
N LEU A 21 5.29 16.76 -12.94
CA LEU A 21 5.70 17.80 -11.99
C LEU A 21 5.52 19.17 -12.65
N GLY A 22 5.90 19.26 -13.94
CA GLY A 22 5.85 20.54 -14.67
C GLY A 22 4.44 21.11 -14.77
N PRO A 23 3.52 20.35 -15.36
CA PRO A 23 2.12 20.77 -15.40
C PRO A 23 1.61 21.25 -14.02
N ALA A 24 1.79 20.38 -13.03
CA ALA A 24 1.26 20.63 -11.72
C ALA A 24 1.93 21.81 -11.03
N ILE A 25 3.21 22.04 -11.30
CA ILE A 25 3.98 22.92 -10.41
C ILE A 25 4.41 24.23 -11.06
N GLY A 26 4.84 24.13 -12.32
CA GLY A 26 5.20 25.29 -13.13
C GLY A 26 4.20 26.42 -12.93
N PRO A 27 2.89 26.10 -13.07
CA PRO A 27 1.83 27.09 -12.78
C PRO A 27 2.09 27.78 -11.45
N LEU A 28 2.24 27.00 -10.39
CA LEU A 28 2.33 27.59 -9.08
C LEU A 28 3.58 28.46 -9.03
N GLY A 29 4.38 28.44 -10.10
CA GLY A 29 5.37 29.51 -10.37
C GLY A 29 6.58 29.43 -9.47
N VAL A 30 6.84 28.21 -9.01
CA VAL A 30 7.99 27.91 -8.18
C VAL A 30 8.98 27.17 -9.08
N ASN A 31 10.25 27.20 -8.70
CA ASN A 31 11.24 26.62 -9.54
C ASN A 31 11.11 25.10 -9.62
N VAL A 32 10.53 24.63 -10.72
CA VAL A 32 10.33 23.23 -10.95
C VAL A 32 11.63 22.45 -10.80
N MET A 33 12.78 23.02 -11.14
CA MET A 33 14.02 22.24 -11.05
C MET A 33 14.47 21.97 -9.63
N GLN A 34 14.25 22.93 -8.75
CA GLN A 34 14.46 22.75 -7.33
C GLN A 34 13.56 21.67 -6.79
N VAL A 35 12.33 21.67 -7.25
CA VAL A 35 11.39 20.73 -6.74
C VAL A 35 11.86 19.36 -7.15
N VAL A 36 12.18 19.24 -8.43
CA VAL A 36 12.69 18.00 -8.97
C VAL A 36 13.99 17.53 -8.30
N LYS A 37 14.87 18.45 -7.90
CA LYS A 37 16.14 18.08 -7.28
C LYS A 37 15.84 17.49 -5.90
N GLU A 38 14.98 18.17 -5.15
CA GLU A 38 14.69 17.83 -3.78
C GLU A 38 13.98 16.50 -3.70
N ILE A 39 13.14 16.25 -4.69
CA ILE A 39 12.41 15.02 -4.76
C ILE A 39 13.34 13.87 -5.10
N ASN A 40 14.19 14.06 -6.09
CA ASN A 40 15.19 13.05 -6.38
C ASN A 40 16.11 12.76 -5.19
N GLU A 41 16.44 13.77 -4.38
CA GLU A 41 17.25 13.58 -3.17
C GLU A 41 16.51 12.57 -2.32
N LYS A 42 15.31 12.95 -1.92
CA LYS A 42 14.55 12.21 -0.93
C LYS A 42 13.92 10.91 -1.42
N THR A 43 14.17 10.52 -2.65
CA THR A 43 13.67 9.26 -3.14
C THR A 43 14.86 8.42 -3.60
N LYS A 44 16.08 8.84 -3.28
CA LYS A 44 17.30 8.08 -3.61
C LYS A 44 17.15 6.60 -3.35
N ASP A 45 16.71 6.28 -2.14
CA ASP A 45 16.53 4.88 -1.70
C ASP A 45 15.43 4.12 -2.43
N TYR A 46 14.58 4.83 -3.16
CA TYR A 46 13.54 4.21 -3.95
C TYR A 46 13.82 4.29 -5.41
N GLU A 47 15.10 4.31 -5.76
CA GLU A 47 15.48 4.35 -7.16
C GLU A 47 14.56 3.50 -7.98
N GLY A 48 13.93 4.10 -8.98
CA GLY A 48 13.14 3.34 -9.95
C GLY A 48 11.76 2.89 -9.51
N MET A 49 11.34 3.21 -8.29
CA MET A 49 10.04 2.72 -7.81
C MET A 49 8.98 3.82 -7.92
N GLN A 50 7.72 3.44 -8.08
CA GLN A 50 6.63 4.38 -8.02
C GLN A 50 6.38 4.82 -6.60
N VAL A 51 6.73 6.08 -6.33
CA VAL A 51 6.65 6.70 -5.01
C VAL A 51 5.63 7.84 -5.03
N PRO A 52 4.70 7.86 -4.06
CA PRO A 52 3.80 9.02 -4.01
C PRO A 52 4.47 10.20 -3.34
N VAL A 53 4.25 11.39 -3.88
CA VAL A 53 4.85 12.60 -3.39
C VAL A 53 3.81 13.68 -3.26
N LYS A 54 4.03 14.55 -2.29
CA LYS A 54 3.12 15.63 -1.97
C LYS A 54 3.95 16.91 -2.00
N VAL A 55 3.52 17.88 -2.80
CA VAL A 55 4.16 19.19 -2.73
C VAL A 55 3.19 20.22 -2.26
N ILE A 56 3.63 21.02 -1.30
CA ILE A 56 2.79 21.99 -0.63
C ILE A 56 3.41 23.33 -0.93
N VAL A 57 2.64 24.19 -1.58
CA VAL A 57 3.14 25.44 -2.12
C VAL A 57 2.29 26.60 -1.65
N ASP A 58 2.95 27.65 -1.19
CA ASP A 58 2.31 28.95 -1.02
C ASP A 58 2.50 29.81 -2.27
N THR A 59 1.47 29.93 -3.11
CA THR A 59 1.60 30.64 -4.40
C THR A 59 2.06 32.10 -4.31
N GLU A 60 1.63 32.81 -3.28
CA GLU A 60 2.06 34.19 -3.14
C GLU A 60 3.58 34.21 -3.01
N THR A 61 4.07 33.46 -2.04
CA THR A 61 5.46 33.46 -1.64
C THR A 61 6.29 32.52 -2.49
N ARG A 62 5.65 31.55 -3.14
CA ARG A 62 6.35 30.55 -3.97
C ARG A 62 7.13 29.46 -3.21
N LYS A 63 7.26 29.58 -1.88
CA LYS A 63 7.88 28.53 -1.06
C LYS A 63 7.06 27.26 -1.09
N PHE A 64 7.77 26.16 -0.93
CA PHE A 64 7.16 24.87 -1.06
C PHE A 64 7.79 23.95 -0.04
N GLU A 65 7.17 22.82 0.17
CA GLU A 65 7.82 21.71 0.87
C GLU A 65 7.34 20.43 0.27
N ILE A 66 8.17 19.42 0.44
CA ILE A 66 7.99 18.12 -0.17
C ILE A 66 7.81 17.10 0.95
N GLU A 67 6.81 16.25 0.80
CA GLU A 67 6.59 15.11 1.66
C GLU A 67 6.47 13.88 0.79
N VAL A 68 7.30 12.89 1.07
CA VAL A 68 7.41 11.66 0.30
C VAL A 68 6.67 10.50 0.97
N GLY A 69 5.86 9.76 0.20
CA GLY A 69 5.26 8.52 0.72
C GLY A 69 6.21 7.33 0.70
N ILE A 70 5.67 6.12 0.62
CA ILE A 70 6.51 4.93 0.41
C ILE A 70 6.00 4.20 -0.78
N PRO A 71 6.88 3.48 -1.46
CA PRO A 71 6.45 2.59 -2.52
C PRO A 71 5.62 1.40 -2.07
N PRO A 72 5.10 0.65 -3.03
CA PRO A 72 4.43 -0.62 -2.70
C PRO A 72 5.41 -1.64 -2.02
N THR A 73 4.90 -2.39 -1.04
CA THR A 73 5.68 -3.34 -0.26
C THR A 73 6.40 -4.33 -1.15
N THR A 74 5.72 -4.68 -2.22
CA THR A 74 6.26 -5.45 -3.30
C THR A 74 7.60 -4.92 -3.80
N ALA A 75 7.70 -3.61 -3.92
CA ALA A 75 8.84 -3.03 -4.57
C ALA A 75 9.94 -2.97 -3.52
N LEU A 76 9.53 -2.82 -2.27
CA LEU A 76 10.51 -2.73 -1.21
C LEU A 76 11.14 -4.09 -1.00
N ILE A 77 10.38 -5.13 -1.27
CA ILE A 77 10.89 -6.45 -1.03
C ILE A 77 11.91 -6.75 -2.12
N LYS A 78 11.55 -6.56 -3.40
CA LYS A 78 12.50 -6.75 -4.50
C LYS A 78 13.86 -6.11 -4.24
N LYS A 79 13.79 -4.86 -3.86
CA LYS A 79 14.96 -4.07 -3.58
C LYS A 79 15.79 -4.81 -2.54
N GLU A 80 15.14 -5.25 -1.45
CA GLU A 80 15.83 -5.96 -0.36
C GLU A 80 16.43 -7.31 -0.77
N LEU A 81 15.86 -7.95 -1.78
CA LEU A 81 16.36 -9.19 -2.32
C LEU A 81 17.59 -9.00 -3.23
N GLY A 82 17.70 -7.82 -3.84
CA GLY A 82 18.92 -7.40 -4.52
C GLY A 82 19.24 -7.97 -5.89
N ILE A 83 20.32 -8.74 -5.95
CA ILE A 83 21.21 -8.80 -7.12
C ILE A 83 21.66 -7.38 -7.44
N HIS A 92 12.24 -18.42 -13.71
CA HIS A 92 11.04 -17.53 -13.74
C HIS A 92 9.72 -18.32 -13.90
N GLU A 93 8.83 -18.24 -12.90
CA GLU A 93 7.63 -19.08 -12.80
C GLU A 93 6.35 -18.25 -12.96
N VAL A 94 5.32 -18.90 -13.50
CA VAL A 94 3.95 -18.37 -13.63
C VAL A 94 3.07 -19.14 -12.64
N VAL A 95 2.18 -18.47 -11.92
CA VAL A 95 1.38 -19.15 -10.88
C VAL A 95 -0.08 -18.78 -10.84
N GLY A 96 -0.53 -17.97 -11.79
CA GLY A 96 -1.92 -17.54 -11.84
C GLY A 96 -2.02 -16.60 -13.02
N ASN A 97 -3.23 -16.43 -13.55
CA ASN A 97 -3.43 -15.43 -14.57
C ASN A 97 -4.63 -14.56 -14.30
N LEU A 98 -4.55 -13.31 -14.74
CA LEU A 98 -5.67 -12.37 -14.66
C LEU A 98 -5.94 -11.80 -16.02
N THR A 99 -7.19 -11.48 -16.27
CA THR A 99 -7.50 -10.74 -17.47
C THR A 99 -7.05 -9.31 -17.27
N LEU A 100 -7.03 -8.57 -18.36
CA LEU A 100 -6.69 -7.19 -18.30
C LEU A 100 -7.87 -6.41 -17.72
N GLU A 101 -9.09 -6.94 -17.83
CA GLU A 101 -10.23 -6.22 -17.27
C GLU A 101 -10.21 -6.33 -15.79
N GLN A 102 -9.70 -7.45 -15.28
CA GLN A 102 -9.55 -7.58 -13.83
C GLN A 102 -8.50 -6.58 -13.37
N VAL A 103 -7.49 -6.33 -14.20
CA VAL A 103 -6.41 -5.43 -13.83
C VAL A 103 -6.91 -4.02 -13.72
N ILE A 104 -7.85 -3.71 -14.60
CA ILE A 104 -8.44 -2.39 -14.64
C ILE A 104 -9.39 -2.23 -13.40
N LYS A 105 -10.25 -3.22 -13.16
CA LYS A 105 -11.05 -3.27 -11.92
C LYS A 105 -10.22 -2.90 -10.67
N ILE A 106 -9.16 -3.65 -10.40
CA ILE A 106 -8.31 -3.37 -9.22
C ILE A 106 -7.75 -1.96 -9.28
N ALA A 107 -7.31 -1.56 -10.47
CA ALA A 107 -6.71 -0.25 -10.65
C ALA A 107 -7.72 0.84 -10.38
N LYS A 108 -8.97 0.57 -10.70
CA LYS A 108 -10.01 1.58 -10.43
C LYS A 108 -10.27 1.68 -8.94
N MET A 109 -10.24 0.56 -8.24
CA MET A 109 -10.39 0.67 -6.79
C MET A 109 -9.21 1.47 -6.24
N LYS A 110 -8.00 1.19 -6.68
CA LYS A 110 -6.89 1.95 -6.08
C LYS A 110 -7.08 3.41 -6.28
N LYS A 111 -7.43 3.79 -7.49
CA LYS A 111 -7.56 5.21 -7.81
C LYS A 111 -8.74 5.89 -7.07
N ASP A 112 -9.87 5.22 -6.94
CA ASP A 112 -10.97 5.74 -6.09
C ASP A 112 -10.51 6.06 -4.71
N ALA A 113 -9.72 5.17 -4.12
CA ALA A 113 -9.20 5.36 -2.77
C ALA A 113 -8.06 6.37 -2.70
N MET A 114 -7.41 6.67 -3.83
CA MET A 114 -6.28 7.59 -3.82
C MET A 114 -6.21 8.33 -5.14
N LEU A 115 -6.78 9.53 -5.19
CA LEU A 115 -6.99 10.20 -6.47
C LEU A 115 -5.73 10.68 -7.14
N SER A 116 -4.65 10.76 -6.37
CA SER A 116 -3.35 11.15 -6.87
C SER A 116 -2.83 10.16 -7.94
N TYR A 117 -3.42 8.96 -7.99
CA TYR A 117 -3.19 8.00 -9.07
C TYR A 117 -3.94 8.35 -10.35
N THR A 118 -3.24 8.43 -11.48
CA THR A 118 -3.95 8.41 -12.78
C THR A 118 -4.33 6.98 -12.98
N LEU A 119 -5.30 6.67 -13.83
CA LEU A 119 -5.64 5.27 -14.07
C LEU A 119 -4.41 4.56 -14.61
N LYS A 120 -3.57 5.31 -15.34
CA LYS A 120 -2.36 4.77 -15.95
C LYS A 120 -1.37 4.37 -14.87
N ASN A 121 -1.01 5.31 -14.01
CA ASN A 121 -0.28 5.03 -12.78
C ASN A 121 -0.71 3.74 -12.05
N ALA A 122 -2.02 3.59 -11.86
CA ALA A 122 -2.54 2.56 -11.01
C ALA A 122 -2.49 1.22 -11.73
N VAL A 123 -2.78 1.25 -13.03
CA VAL A 123 -2.63 0.04 -13.81
C VAL A 123 -1.15 -0.38 -13.76
N LYS A 124 -0.28 0.62 -13.91
CA LYS A 124 1.15 0.42 -13.85
C LYS A 124 1.50 -0.36 -12.60
N GLU A 125 1.04 0.14 -11.48
CA GLU A 125 1.36 -0.48 -10.23
C GLU A 125 0.78 -1.85 -10.11
N VAL A 126 -0.44 -2.05 -10.62
CA VAL A 126 -1.01 -3.39 -10.55
C VAL A 126 -0.18 -4.35 -11.41
N LEU A 127 0.14 -3.92 -12.62
CA LEU A 127 1.00 -4.70 -13.50
C LEU A 127 2.31 -5.06 -12.78
N GLY A 128 2.95 -4.06 -12.20
CA GLY A 128 4.16 -4.27 -11.42
C GLY A 128 4.00 -5.30 -10.32
N THR A 129 2.89 -5.24 -9.58
CA THR A 129 2.65 -6.21 -8.49
C THR A 129 2.41 -7.61 -9.06
N CYS A 130 1.75 -7.69 -10.22
CA CYS A 130 1.49 -8.98 -10.83
C CYS A 130 2.80 -9.68 -11.21
N GLY A 131 3.73 -8.91 -11.78
CA GLY A 131 5.09 -9.37 -12.05
C GLY A 131 5.69 -9.97 -10.79
N SER A 132 5.79 -9.16 -9.76
CA SER A 132 6.29 -9.58 -8.44
C SER A 132 5.57 -10.81 -7.83
N MET A 133 4.41 -11.22 -8.37
CA MET A 133 3.71 -12.39 -7.85
C MET A 133 3.77 -13.57 -8.80
N GLY A 134 4.45 -13.40 -9.94
CA GLY A 134 4.48 -14.40 -11.00
C GLY A 134 3.13 -14.66 -11.64
N VAL A 135 2.36 -13.61 -11.86
CA VAL A 135 1.01 -13.72 -12.35
C VAL A 135 1.05 -13.09 -13.71
N THR A 136 0.52 -13.78 -14.71
CA THR A 136 0.47 -13.20 -16.06
C THR A 136 -0.80 -12.39 -16.18
N VAL A 137 -0.77 -11.43 -17.10
CA VAL A 137 -1.94 -10.69 -17.43
C VAL A 137 -2.19 -11.06 -18.86
N GLU A 138 -3.37 -11.65 -19.10
CA GLU A 138 -3.78 -12.08 -20.43
C GLU A 138 -2.84 -13.16 -20.96
N GLY A 139 -2.36 -14.01 -20.06
CA GLY A 139 -1.39 -15.06 -20.41
C GLY A 139 0.01 -14.54 -20.71
N LYS A 140 0.18 -13.22 -20.66
CA LYS A 140 1.44 -12.59 -21.02
C LYS A 140 2.18 -12.08 -19.80
N ASP A 141 3.46 -11.79 -19.99
CA ASP A 141 4.24 -11.21 -18.94
C ASP A 141 3.81 -9.76 -18.79
N PRO A 142 3.51 -9.32 -17.56
CA PRO A 142 3.06 -7.94 -17.30
C PRO A 142 4.01 -6.82 -17.73
N LYS A 143 5.30 -7.11 -17.93
CA LYS A 143 6.21 -6.11 -18.49
C LYS A 143 5.89 -5.97 -19.97
N GLU A 144 5.59 -7.11 -20.58
CA GLU A 144 5.19 -7.15 -21.96
C GLU A 144 3.98 -6.22 -22.10
N VAL A 145 2.85 -6.65 -21.52
CA VAL A 145 1.59 -5.90 -21.53
C VAL A 145 1.73 -4.40 -21.21
N GLN A 146 2.65 -4.05 -20.32
CA GLN A 146 2.92 -2.64 -20.00
C GLN A 146 3.46 -1.89 -21.19
N LYS A 147 4.32 -2.54 -21.98
CA LYS A 147 4.87 -1.88 -23.14
C LYS A 147 3.73 -1.56 -24.09
N GLU A 148 2.93 -2.58 -24.43
CA GLU A 148 1.72 -2.36 -25.22
C GLU A 148 0.95 -1.10 -24.80
N ILE A 149 0.73 -0.94 -23.51
CA ILE A 149 0.07 0.24 -22.96
C ILE A 149 0.93 1.50 -23.10
N ASP A 150 2.23 1.39 -22.81
CA ASP A 150 3.14 2.54 -22.83
C ASP A 150 3.32 3.13 -24.25
N ALA A 151 3.09 2.31 -25.27
CA ALA A 151 3.14 2.78 -26.64
C ALA A 151 1.94 3.68 -26.95
N GLY A 152 0.76 3.31 -26.45
CA GLY A 152 -0.48 4.05 -26.66
C GLY A 152 -1.53 3.24 -27.42
N VAL A 153 -1.61 1.94 -27.13
CA VAL A 153 -2.25 1.00 -28.04
C VAL A 153 -3.63 0.49 -27.64
N TYR A 154 -4.12 0.83 -26.45
CA TYR A 154 -5.39 0.27 -25.99
C TYR A 154 -6.54 1.30 -25.93
N ASP A 155 -6.69 1.97 -24.78
CA ASP A 155 -7.84 2.85 -24.43
C ASP A 155 -9.20 2.26 -24.78
N GLU A 156 -9.24 0.94 -24.97
CA GLU A 156 -10.40 0.23 -25.54
C GLU A 156 -10.72 -1.08 -24.78
N TYR A 157 -10.17 -1.20 -23.56
CA TYR A 157 -10.53 -2.25 -22.63
C TYR A 157 -11.12 -1.63 -21.37
N ALA B 2 -14.51 18.10 22.11
CA ALA B 2 -13.31 17.57 21.39
C ALA B 2 -13.65 16.68 20.22
N LYS B 3 -12.71 16.65 19.29
CA LYS B 3 -12.78 15.78 18.15
C LYS B 3 -11.72 14.76 18.36
N GLU B 4 -12.05 13.51 18.16
CA GLU B 4 -11.08 12.45 18.33
C GLU B 4 -11.19 11.57 17.13
N VAL B 5 -10.07 11.27 16.54
CA VAL B 5 -9.96 10.42 15.39
C VAL B 5 -9.06 9.27 15.76
N VAL B 6 -9.50 8.05 15.50
CA VAL B 6 -8.71 6.86 15.71
C VAL B 6 -8.55 6.21 14.38
N GLU B 7 -7.30 5.94 13.98
CA GLU B 7 -6.99 5.24 12.78
C GLU B 7 -6.35 3.94 13.15
N VAL B 8 -6.87 2.83 12.62
CA VAL B 8 -6.47 1.51 13.05
C VAL B 8 -6.65 0.58 11.91
N LEU B 9 -5.89 -0.51 11.89
CA LEU B 9 -6.08 -1.56 10.88
C LEU B 9 -6.97 -2.66 11.37
N VAL B 10 -7.87 -3.10 10.52
CA VAL B 10 -8.88 -4.04 10.91
C VAL B 10 -8.85 -5.18 9.91
N THR B 11 -9.41 -6.31 10.31
CA THR B 11 -9.64 -7.41 9.40
C THR B 11 -11.01 -7.23 8.83
N GLY B 12 -11.10 -6.99 7.52
CA GLY B 12 -12.39 -6.66 6.86
C GLY B 12 -13.47 -7.70 7.14
N GLY B 13 -14.71 -7.23 7.30
CA GLY B 13 -15.82 -8.11 7.64
C GLY B 13 -15.79 -8.73 9.04
N ARG B 14 -14.64 -8.78 9.72
CA ARG B 14 -14.54 -9.51 10.99
C ARG B 14 -13.90 -8.69 12.08
N ALA B 15 -14.30 -7.44 12.20
CA ALA B 15 -13.86 -6.62 13.30
C ALA B 15 -14.58 -7.12 14.55
N THR B 16 -13.96 -6.92 15.71
CA THR B 16 -14.57 -7.29 16.98
C THR B 16 -14.30 -6.23 18.02
N ALA B 17 -14.93 -6.41 19.19
CA ALA B 17 -14.78 -5.51 20.32
C ALA B 17 -13.54 -5.85 21.12
N GLY B 18 -12.82 -6.89 20.69
CA GLY B 18 -11.52 -7.20 21.25
C GLY B 18 -10.52 -6.12 20.89
N PRO B 19 -9.21 -6.40 21.07
CA PRO B 19 -8.19 -5.53 20.50
C PRO B 19 -8.05 -5.79 19.00
N PRO B 20 -7.69 -4.79 18.21
CA PRO B 20 -7.32 -3.46 18.70
C PRO B 20 -8.50 -2.60 19.10
N LEU B 21 -9.66 -2.88 18.52
CA LEU B 21 -10.81 -1.99 18.58
C LEU B 21 -11.21 -1.59 19.99
N GLY B 22 -11.49 -2.59 20.81
CA GLY B 22 -12.02 -2.35 22.15
C GLY B 22 -11.16 -1.38 22.94
N PRO B 23 -9.90 -1.76 23.18
CA PRO B 23 -9.04 -0.82 23.89
C PRO B 23 -8.92 0.46 23.06
N ALA B 24 -8.72 0.28 21.75
CA ALA B 24 -8.55 1.38 20.80
C ALA B 24 -9.74 2.34 20.63
N ILE B 25 -10.98 1.87 20.81
CA ILE B 25 -12.15 2.76 20.68
C ILE B 25 -12.89 3.00 21.97
N GLY B 26 -12.83 2.07 22.92
CA GLY B 26 -13.42 2.28 24.27
C GLY B 26 -13.12 3.62 24.94
N PRO B 27 -11.93 4.21 24.64
CA PRO B 27 -11.63 5.44 25.33
C PRO B 27 -12.37 6.64 24.74
N LEU B 28 -13.11 6.45 23.65
CA LEU B 28 -13.85 7.54 23.03
C LEU B 28 -15.15 7.80 23.79
N GLY B 29 -15.68 6.80 24.50
CA GLY B 29 -16.97 6.94 25.18
C GLY B 29 -18.18 6.59 24.32
N VAL B 30 -17.99 5.82 23.25
CA VAL B 30 -19.06 5.41 22.34
C VAL B 30 -19.24 3.91 22.46
N ASN B 31 -20.38 3.40 22.00
CA ASN B 31 -20.59 1.94 21.94
C ASN B 31 -19.68 1.26 20.91
N VAL B 32 -18.81 0.38 21.38
CA VAL B 32 -17.80 -0.30 20.52
C VAL B 32 -18.46 -1.28 19.56
N MET B 33 -19.40 -2.02 20.09
CA MET B 33 -20.24 -2.87 19.27
C MET B 33 -20.85 -2.10 18.12
N GLN B 34 -21.36 -0.89 18.34
CA GLN B 34 -21.94 -0.13 17.22
C GLN B 34 -20.87 0.29 16.21
N VAL B 35 -19.71 0.70 16.69
CA VAL B 35 -18.63 1.14 15.82
C VAL B 35 -18.15 -0.05 15.02
N VAL B 36 -18.04 -1.18 15.69
CA VAL B 36 -17.79 -2.45 14.95
C VAL B 36 -18.81 -2.83 13.84
N LYS B 37 -20.10 -2.67 14.10
CA LYS B 37 -21.08 -3.07 13.05
C LYS B 37 -20.94 -2.19 11.84
N GLU B 38 -20.67 -0.93 12.09
CA GLU B 38 -20.52 0.03 11.04
C GLU B 38 -19.25 -0.34 10.24
N ILE B 39 -18.18 -0.75 10.93
CA ILE B 39 -16.94 -1.18 10.27
C ILE B 39 -17.16 -2.38 9.42
N ASN B 40 -17.77 -3.40 10.02
CA ASN B 40 -18.10 -4.64 9.26
C ASN B 40 -19.07 -4.47 8.10
N GLU B 41 -19.98 -3.51 8.18
CA GLU B 41 -20.78 -3.19 7.00
C GLU B 41 -19.96 -2.53 5.89
N LYS B 42 -18.96 -1.70 6.22
CA LYS B 42 -18.25 -0.91 5.19
C LYS B 42 -16.97 -1.55 4.70
N THR B 43 -16.49 -2.56 5.43
CA THR B 43 -15.36 -3.39 4.97
C THR B 43 -15.77 -4.70 4.35
N LYS B 44 -16.92 -4.69 3.70
CA LYS B 44 -17.61 -5.91 3.31
C LYS B 44 -16.99 -6.63 2.13
N ASP B 45 -16.67 -5.89 1.08
CA ASP B 45 -15.92 -6.43 -0.04
C ASP B 45 -14.55 -6.99 0.33
N TYR B 46 -14.02 -6.63 1.50
CA TYR B 46 -12.62 -6.93 1.85
C TYR B 46 -12.56 -7.96 2.92
N GLU B 47 -13.61 -8.76 2.97
CA GLU B 47 -13.69 -9.87 3.88
C GLU B 47 -12.31 -10.53 4.04
N GLY B 48 -11.85 -10.62 5.27
CA GLY B 48 -10.64 -11.35 5.54
C GLY B 48 -9.38 -10.55 5.29
N MET B 49 -9.43 -9.45 4.52
CA MET B 49 -8.25 -8.66 4.21
C MET B 49 -7.98 -7.62 5.27
N GLN B 50 -6.71 -7.27 5.47
CA GLN B 50 -6.30 -6.10 6.30
C GLN B 50 -6.66 -4.73 5.69
N VAL B 51 -7.43 -3.95 6.43
CA VAL B 51 -7.97 -2.70 5.92
C VAL B 51 -7.83 -1.58 6.92
N PRO B 52 -7.34 -0.45 6.46
CA PRO B 52 -7.27 0.72 7.33
C PRO B 52 -8.63 1.41 7.48
N VAL B 53 -8.89 1.83 8.69
CA VAL B 53 -10.16 2.36 9.05
C VAL B 53 -9.92 3.59 9.89
N LYS B 54 -10.78 4.59 9.72
CA LYS B 54 -10.76 5.83 10.48
C LYS B 54 -12.13 6.05 11.17
N VAL B 55 -12.11 6.16 12.48
CA VAL B 55 -13.28 6.48 13.30
C VAL B 55 -13.17 7.91 13.80
N ILE B 56 -14.19 8.72 13.57
CA ILE B 56 -14.21 10.12 13.97
C ILE B 56 -15.35 10.34 14.98
N VAL B 57 -14.98 10.77 16.18
CA VAL B 57 -15.91 11.03 17.28
C VAL B 57 -15.90 12.50 17.70
N ASP B 58 -17.10 13.04 17.89
CA ASP B 58 -17.31 14.33 18.58
C ASP B 58 -17.69 13.93 19.98
N THR B 59 -16.84 14.32 20.95
CA THR B 59 -16.93 13.79 22.30
C THR B 59 -18.09 14.47 23.04
N GLU B 60 -18.52 15.62 22.52
CA GLU B 60 -19.60 16.38 23.15
C GLU B 60 -20.91 15.65 22.83
N THR B 61 -21.21 15.44 21.55
CA THR B 61 -22.47 14.82 21.18
C THR B 61 -22.42 13.31 21.10
N ARG B 62 -21.25 12.71 21.26
CA ARG B 62 -21.06 11.26 21.04
C ARG B 62 -21.46 10.76 19.67
N LYS B 63 -21.49 11.64 18.68
CA LYS B 63 -21.69 11.28 17.26
C LYS B 63 -20.40 10.66 16.70
N PHE B 64 -20.51 9.58 15.93
CA PHE B 64 -19.33 9.07 15.27
C PHE B 64 -19.57 8.69 13.84
N GLU B 65 -18.55 8.88 13.00
CA GLU B 65 -18.49 8.44 11.61
C GLU B 65 -17.28 7.48 11.37
N ILE B 66 -17.41 6.59 10.40
CA ILE B 66 -16.26 5.84 9.99
C ILE B 66 -15.91 6.04 8.50
N GLU B 67 -14.63 6.02 8.17
CA GLU B 67 -14.17 6.04 6.79
C GLU B 67 -13.22 4.87 6.60
N VAL B 68 -13.19 4.34 5.39
CA VAL B 68 -12.50 3.09 5.12
C VAL B 68 -11.51 3.25 3.98
N GLY B 69 -10.31 2.73 4.15
CA GLY B 69 -9.32 2.84 3.10
C GLY B 69 -9.45 1.65 2.22
N ILE B 70 -8.33 1.16 1.71
CA ILE B 70 -8.35 0.03 0.77
C ILE B 70 -7.33 -1.02 1.21
N PRO B 71 -7.58 -2.30 0.92
CA PRO B 71 -6.53 -3.27 1.30
C PRO B 71 -5.32 -3.25 0.35
N PRO B 72 -4.25 -3.95 0.72
CA PRO B 72 -3.05 -3.91 -0.15
C PRO B 72 -3.38 -4.51 -1.50
N THR B 73 -2.74 -4.02 -2.55
CA THR B 73 -2.97 -4.55 -3.86
C THR B 73 -2.75 -6.07 -3.98
N THR B 74 -1.79 -6.56 -3.22
CA THR B 74 -1.50 -7.97 -3.18
C THR B 74 -2.77 -8.73 -2.80
N ALA B 75 -3.56 -8.14 -1.93
CA ALA B 75 -4.73 -8.86 -1.42
C ALA B 75 -5.86 -8.84 -2.44
N LEU B 76 -5.99 -7.71 -3.11
CA LEU B 76 -6.97 -7.53 -4.14
C LEU B 76 -6.72 -8.49 -5.31
N ILE B 77 -5.46 -8.67 -5.71
CA ILE B 77 -5.12 -9.66 -6.72
C ILE B 77 -5.42 -11.08 -6.28
N LYS B 78 -4.98 -11.49 -5.09
CA LYS B 78 -5.32 -12.83 -4.59
C LYS B 78 -6.84 -13.12 -4.70
N LYS B 79 -7.66 -12.19 -4.26
CA LYS B 79 -9.11 -12.42 -4.25
C LYS B 79 -9.62 -12.59 -5.68
N GLU B 80 -9.03 -11.82 -6.59
CA GLU B 80 -9.43 -11.77 -7.98
C GLU B 80 -9.02 -13.01 -8.76
N LEU B 81 -8.08 -13.80 -8.27
CA LEU B 81 -7.84 -15.12 -8.86
C LEU B 81 -8.31 -16.20 -7.89
N GLY B 82 -9.38 -15.90 -7.17
CA GLY B 82 -10.04 -16.90 -6.36
C GLY B 82 -9.28 -17.47 -5.19
N ILE B 83 -8.09 -16.93 -4.87
CA ILE B 83 -7.31 -17.39 -3.70
C ILE B 83 -7.87 -16.85 -2.36
N GLU B 84 -7.77 -17.68 -1.31
CA GLU B 84 -8.24 -17.30 0.03
C GLU B 84 -7.39 -16.16 0.57
N THR B 85 -7.87 -15.50 1.62
CA THR B 85 -7.11 -14.41 2.23
C THR B 85 -5.94 -14.91 3.10
N ALA B 86 -6.13 -16.02 3.82
CA ALA B 86 -5.04 -16.61 4.63
C ALA B 86 -3.97 -17.31 3.76
N ALA B 87 -4.38 -17.83 2.60
CA ALA B 87 -3.48 -18.58 1.73
C ALA B 87 -2.66 -17.69 0.75
N HIS B 88 -1.89 -18.36 -0.12
CA HIS B 88 -1.24 -17.73 -1.27
C HIS B 88 -1.29 -18.67 -2.49
N GLU B 89 -0.87 -18.20 -3.65
CA GLU B 89 -0.85 -19.06 -4.82
CA GLU B 89 -0.79 -19.04 -4.87
C GLU B 89 0.22 -20.19 -4.67
N PRO B 90 -0.13 -21.43 -5.10
CA PRO B 90 0.90 -22.50 -5.03
C PRO B 90 2.12 -22.21 -5.94
N ARG B 91 3.32 -22.48 -5.41
CA ARG B 91 4.60 -22.29 -6.12
C ARG B 91 5.46 -23.54 -6.10
N HIS B 92 6.13 -23.81 -7.22
CA HIS B 92 7.12 -24.86 -7.26
C HIS B 92 8.38 -24.37 -6.50
N GLU B 93 8.78 -23.12 -6.79
CA GLU B 93 10.06 -22.63 -6.30
C GLU B 93 9.98 -21.30 -5.55
N VAL B 94 10.80 -21.27 -4.52
CA VAL B 94 11.12 -20.10 -3.76
C VAL B 94 11.95 -19.17 -4.63
N VAL B 95 11.58 -17.91 -4.58
CA VAL B 95 12.11 -16.89 -5.47
C VAL B 95 13.29 -16.21 -4.77
N GLY B 96 13.39 -16.33 -3.46
CA GLY B 96 14.38 -15.56 -2.68
C GLY B 96 14.13 -15.59 -1.19
N ASN B 97 15.08 -15.03 -0.41
CA ASN B 97 14.96 -15.04 1.05
C ASN B 97 15.14 -13.67 1.61
N LEU B 98 14.48 -13.37 2.74
CA LEU B 98 14.81 -12.16 3.48
C LEU B 98 15.11 -12.58 4.88
N THR B 99 16.00 -11.88 5.56
CA THR B 99 16.15 -12.06 6.96
C THR B 99 14.98 -11.37 7.69
N LEU B 100 14.85 -11.64 8.95
CA LEU B 100 13.81 -11.07 9.71
C LEU B 100 14.05 -9.54 9.83
N GLU B 101 15.32 -9.14 9.92
CA GLU B 101 15.69 -7.74 10.07
C GLU B 101 15.35 -6.93 8.86
N GLN B 102 15.48 -7.51 7.67
CA GLN B 102 15.06 -6.76 6.47
C GLN B 102 13.51 -6.63 6.47
N VAL B 103 12.83 -7.55 7.14
CA VAL B 103 11.36 -7.52 7.14
C VAL B 103 10.91 -6.39 8.07
N ILE B 104 11.60 -6.31 9.16
CA ILE B 104 11.35 -5.33 10.14
C ILE B 104 11.77 -3.93 9.70
N LYS B 105 12.85 -3.84 8.94
CA LYS B 105 13.19 -2.60 8.27
C LYS B 105 12.03 -2.15 7.35
N ILE B 106 11.52 -3.04 6.51
CA ILE B 106 10.44 -2.68 5.60
C ILE B 106 9.21 -2.26 6.40
N ALA B 107 9.00 -2.90 7.54
CA ALA B 107 7.85 -2.69 8.31
C ALA B 107 7.92 -1.36 9.00
N LYS B 108 9.09 -1.03 9.57
CA LYS B 108 9.35 0.28 10.13
C LYS B 108 9.06 1.33 9.09
N MET B 109 9.50 1.14 7.86
CA MET B 109 9.25 2.17 6.86
C MET B 109 7.77 2.41 6.56
N LYS B 110 6.94 1.37 6.64
CA LYS B 110 5.51 1.53 6.42
C LYS B 110 4.89 2.21 7.60
N LYS B 111 5.32 1.84 8.77
CA LYS B 111 4.77 2.48 9.95
C LYS B 111 5.24 3.94 10.08
N ASP B 112 6.43 4.29 9.60
CA ASP B 112 6.85 5.71 9.59
C ASP B 112 6.01 6.54 8.66
N ALA B 113 5.55 5.94 7.59
CA ALA B 113 4.67 6.59 6.65
C ALA B 113 3.19 6.37 6.98
N MET B 114 2.85 5.68 8.06
CA MET B 114 1.44 5.50 8.44
C MET B 114 1.30 4.91 9.82
N LEU B 115 1.29 5.80 10.80
CA LEU B 115 1.46 5.42 12.17
C LEU B 115 0.31 4.64 12.75
N SER B 116 -0.80 4.55 12.00
CA SER B 116 -1.88 3.61 12.38
C SER B 116 -1.40 2.15 12.39
N TYR B 117 -0.47 1.81 11.49
CA TYR B 117 0.19 0.52 11.63
C TYR B 117 0.84 0.36 12.98
N THR B 118 0.51 -0.70 13.71
CA THR B 118 1.47 -1.21 14.71
C THR B 118 2.58 -1.93 13.95
N LEU B 119 3.70 -2.19 14.62
CA LEU B 119 4.80 -2.87 13.96
C LEU B 119 4.41 -4.32 13.66
N LYS B 120 3.77 -4.99 14.61
CA LYS B 120 3.20 -6.34 14.38
C LYS B 120 2.32 -6.39 13.15
N ASN B 121 1.39 -5.48 13.05
CA ASN B 121 0.54 -5.60 11.91
C ASN B 121 1.15 -4.99 10.62
N ALA B 122 2.21 -4.20 10.69
CA ALA B 122 2.97 -3.90 9.44
C ALA B 122 3.82 -5.11 9.02
N VAL B 123 4.35 -5.84 10.00
CA VAL B 123 5.16 -7.03 9.68
C VAL B 123 4.26 -8.09 9.07
N LYS B 124 3.14 -8.37 9.72
CA LYS B 124 2.10 -9.22 9.14
C LYS B 124 1.82 -8.85 7.72
N GLU B 125 1.67 -7.58 7.45
CA GLU B 125 1.43 -7.26 6.02
C GLU B 125 2.62 -7.72 5.17
N VAL B 126 3.84 -7.36 5.61
CA VAL B 126 5.04 -7.64 4.81
C VAL B 126 5.19 -9.17 4.57
N LEU B 127 4.97 -9.96 5.62
CA LEU B 127 5.04 -11.39 5.54
C LEU B 127 4.05 -12.00 4.54
N GLY B 128 2.83 -11.46 4.52
CA GLY B 128 1.81 -12.01 3.62
C GLY B 128 2.18 -11.55 2.22
N THR B 129 2.90 -10.43 2.08
CA THR B 129 3.25 -10.06 0.70
C THR B 129 4.34 -11.03 0.26
N CYS B 130 5.18 -11.44 1.22
CA CYS B 130 6.29 -12.32 0.91
C CYS B 130 5.73 -13.66 0.43
N GLY B 131 4.71 -14.15 1.13
CA GLY B 131 3.96 -15.35 0.72
C GLY B 131 3.55 -15.34 -0.74
N SER B 132 2.92 -14.26 -1.17
CA SER B 132 2.42 -14.15 -2.54
C SER B 132 3.49 -13.93 -3.58
N MET B 133 4.71 -13.62 -3.15
CA MET B 133 5.84 -13.45 -4.10
C MET B 133 6.76 -14.67 -4.02
N GLY B 134 6.52 -15.54 -3.03
CA GLY B 134 7.28 -16.76 -2.90
C GLY B 134 8.61 -16.51 -2.27
N VAL B 135 8.63 -15.52 -1.37
CA VAL B 135 9.82 -15.11 -0.64
C VAL B 135 9.73 -15.68 0.76
N THR B 136 10.77 -16.40 1.19
CA THR B 136 10.82 -16.98 2.50
C THR B 136 11.46 -15.95 3.38
N VAL B 137 11.37 -16.22 4.68
CA VAL B 137 11.83 -15.36 5.63
C VAL B 137 12.52 -16.18 6.66
N GLU B 138 13.71 -15.75 7.04
CA GLU B 138 14.63 -16.63 7.73
C GLU B 138 14.60 -17.91 6.92
N GLY B 139 14.59 -19.07 7.49
CA GLY B 139 14.55 -20.18 6.52
C GLY B 139 13.20 -20.55 5.89
N LYS B 140 12.13 -19.85 6.26
CA LYS B 140 10.82 -20.51 6.35
C LYS B 140 9.69 -19.90 5.58
N ASP B 141 8.57 -20.59 5.63
CA ASP B 141 7.34 -20.11 5.11
C ASP B 141 7.02 -18.84 5.92
N PRO B 142 6.68 -17.76 5.24
CA PRO B 142 6.20 -16.60 6.01
C PRO B 142 5.01 -16.88 6.94
N LYS B 143 4.08 -17.76 6.54
CA LYS B 143 2.94 -18.14 7.42
C LYS B 143 3.55 -18.74 8.66
N GLU B 144 4.55 -19.58 8.48
CA GLU B 144 5.19 -20.20 9.62
C GLU B 144 5.78 -19.12 10.52
N VAL B 145 6.51 -18.16 9.97
CA VAL B 145 7.14 -17.14 10.82
C VAL B 145 6.08 -16.29 11.55
N GLN B 146 4.98 -16.01 10.86
CA GLN B 146 3.81 -15.37 11.45
C GLN B 146 3.29 -16.07 12.73
N LYS B 147 3.21 -17.39 12.72
CA LYS B 147 2.81 -18.14 13.92
C LYS B 147 3.77 -17.94 15.06
N GLU B 148 5.08 -17.99 14.81
CA GLU B 148 6.05 -17.70 15.88
C GLU B 148 5.87 -16.28 16.39
N ILE B 149 5.63 -15.35 15.48
CA ILE B 149 5.51 -13.96 15.86
C ILE B 149 4.37 -13.89 16.85
N ASP B 150 3.20 -14.36 16.43
CA ASP B 150 2.02 -14.50 17.29
C ASP B 150 2.33 -15.20 18.63
N ALA B 151 3.13 -16.25 18.62
CA ALA B 151 3.54 -16.92 19.88
C ALA B 151 4.48 -16.08 20.76
N GLY B 152 4.58 -14.78 20.48
CA GLY B 152 5.42 -13.88 21.27
C GLY B 152 6.92 -14.13 21.19
N VAL B 153 7.36 -15.13 20.40
CA VAL B 153 8.76 -15.61 20.46
C VAL B 153 9.76 -14.57 19.97
N TYR B 154 9.34 -13.68 19.08
CA TYR B 154 10.25 -12.69 18.50
C TYR B 154 10.09 -11.24 19.01
N ASP B 155 9.44 -11.02 20.17
CA ASP B 155 9.07 -9.64 20.60
C ASP B 155 10.26 -8.68 20.78
N GLU B 156 11.41 -9.21 21.19
CA GLU B 156 12.67 -8.43 21.29
C GLU B 156 13.12 -7.69 20.03
N TYR B 157 12.69 -8.13 18.85
CA TYR B 157 13.06 -7.46 17.60
C TYR B 157 12.06 -6.36 17.24
N PHE B 158 10.91 -6.35 17.92
CA PHE B 158 9.87 -5.34 17.69
C PHE B 158 10.05 -4.14 18.67
N LYS B 159 11.11 -3.37 18.44
CA LYS B 159 11.58 -2.36 19.39
C LYS B 159 12.14 -1.14 18.68
N GLU B 160 11.44 0.00 18.84
CA GLU B 160 11.82 1.34 18.37
C GLU B 160 12.46 1.38 17.00
CL CL C . -7.94 10.52 -2.15
C1 PGE D . -4.64 6.85 6.84
O1 PGE D . -4.46 6.88 5.42
C2 PGE D . -5.63 5.74 7.20
O2 PGE D . -6.78 5.89 6.36
C3 PGE D . -7.92 5.21 6.88
C4 PGE D . -9.02 5.17 5.83
O4 PGE D . -8.37 7.39 2.13
C6 PGE D . -8.37 6.59 3.32
C5 PGE D . -9.65 6.81 4.13
O3 PGE D . -9.44 6.50 5.50
C1 PEG E . 18.67 -12.33 14.70
O1 PEG E . 19.71 -13.00 15.42
C2 PEG E . 17.36 -13.12 14.75
O2 PEG E . 17.47 -14.31 13.96
C3 PEG E . 16.20 -14.87 13.63
C4 PEG E . 16.25 -16.40 13.56
O4 PEG E . 16.24 -16.98 14.87
C1 CIT F . -8.21 14.15 9.82
O1 CIT F . -8.02 13.05 9.25
O2 CIT F . -9.25 14.82 9.67
C2 CIT F . -7.13 14.68 10.74
C3 CIT F . -5.82 13.94 10.55
O7 CIT F . -5.63 14.57 9.28
C4 CIT F . -4.77 14.35 11.58
C5 CIT F . -3.44 13.64 11.42
O3 CIT F . -2.43 14.12 11.97
O4 CIT F . -3.43 12.60 10.73
C6 CIT F . -6.02 12.44 10.40
O5 CIT F . -6.29 11.74 11.40
O6 CIT F . -5.91 11.95 9.25
#